data_2Q2N
#
_entry.id   2Q2N
#
_cell.length_a   48.300
_cell.length_b   49.900
_cell.length_c   118.200
_cell.angle_alpha   90.000
_cell.angle_beta   90.000
_cell.angle_gamma   90.000
#
_symmetry.space_group_name_H-M   'P 21 21 21'
#
loop_
_entity.id
_entity.type
_entity.pdbx_description
1 polymer Ferrochelatase
2 non-polymer 'MAGNESIUM ION'
3 non-polymer 'PROTOPORPHYRIN IX 2,4-DISULFONIC ACID'
4 water water
#
_entity_poly.entity_id   1
_entity_poly.type   'polypeptide(L)'
_entity_poly.pdbx_seq_one_letter_code
;SRKKMGLLVMAYGTPYKEEDIERYYTHIRRGRKPEPEMLQDLKDRYEAIGGISPLAQITEQQAHNLEQHLNEIQDEITFK
AYIGLKHIEPFIEDAVAEMHKDGITEAVSIVLAPHFSTFSVQSYNKRAKEEAEKLGGLTITSVESWYDEPKFVTYWVDRV
KETYASMPEDERENAMLIVSAHSLPEKIKEFGDPYPDQLHESAKLIAEGAGVSEYAVGWQSEGNTPDPWLGPDVQDLTRD
LFEQKGYQAFVYVPVGFVADHLEVLYDNDYECKVVTDDIGASYYRPEMPNAKPEFIDALATVVLKKLGR
;
_entity_poly.pdbx_strand_id   A
#
loop_
_chem_comp.id
_chem_comp.type
_chem_comp.name
_chem_comp.formula
H01 non-polymer 'PROTOPORPHYRIN IX 2,4-DISULFONIC ACID' 'C30 H32 N4 O10 S2'
MG non-polymer 'MAGNESIUM ION' 'Mg 2'
#
# COMPACT_ATOMS: atom_id res chain seq x y z
N SER A 1 32.34 -13.96 5.09
CA SER A 1 31.57 -14.70 6.15
C SER A 1 30.06 -14.76 5.98
N ARG A 2 29.46 -13.70 5.42
CA ARG A 2 27.99 -13.59 5.41
C ARG A 2 27.34 -14.38 4.27
N LYS A 3 26.09 -14.79 4.47
CA LYS A 3 25.29 -15.45 3.46
C LYS A 3 24.73 -14.37 2.49
N LYS A 4 24.97 -14.50 1.20
CA LYS A 4 24.39 -13.56 0.24
C LYS A 4 22.92 -13.93 -0.06
N MET A 5 22.01 -12.96 0.08
CA MET A 5 20.59 -13.17 -0.22
C MET A 5 20.01 -12.01 -1.03
N GLY A 6 19.16 -12.36 -1.99
CA GLY A 6 18.36 -11.38 -2.70
C GLY A 6 17.23 -10.90 -1.80
N LEU A 7 16.95 -9.61 -1.85
CA LEU A 7 15.79 -9.04 -1.22
C LEU A 7 14.87 -8.48 -2.32
N LEU A 8 13.86 -9.26 -2.66
CA LEU A 8 12.95 -8.89 -3.73
C LEU A 8 11.80 -8.05 -3.17
N VAL A 9 11.77 -6.77 -3.53
CA VAL A 9 10.75 -5.84 -3.03
C VAL A 9 9.75 -5.63 -4.15
N MET A 10 8.48 -5.99 -3.92
CA MET A 10 7.45 -5.87 -4.93
C MET A 10 6.38 -4.84 -4.62
N ALA A 11 5.90 -4.20 -5.68
CA ALA A 11 4.93 -3.14 -5.57
C ALA A 11 4.09 -3.01 -6.83
N TYR A 12 2.99 -2.29 -6.70
CA TYR A 12 2.10 -1.98 -7.80
C TYR A 12 2.85 -1.26 -8.95
N GLY A 13 3.65 -0.24 -8.61
CA GLY A 13 4.34 0.54 -9.61
C GLY A 13 3.66 1.88 -9.86
N THR A 14 4.43 2.85 -10.33
CA THR A 14 3.94 4.18 -10.64
C THR A 14 4.74 4.69 -11.85
N PRO A 15 4.11 5.49 -12.72
CA PRO A 15 4.82 6.07 -13.87
C PRO A 15 5.99 6.97 -13.42
N TYR A 16 7.06 7.02 -14.22
CA TYR A 16 8.24 7.83 -13.93
C TYR A 16 8.13 9.27 -14.45
N LYS A 17 7.27 9.44 -15.44
CA LYS A 17 7.04 10.73 -16.10
C LYS A 17 5.66 10.76 -16.75
N GLU A 18 5.22 11.96 -17.13
CA GLU A 18 3.87 12.15 -17.64
C GLU A 18 3.62 11.28 -18.86
N GLU A 19 4.68 11.12 -19.66
CA GLU A 19 4.65 10.32 -20.87
C GLU A 19 4.51 8.80 -20.64
N ASP A 20 4.64 8.35 -19.39
CA ASP A 20 4.41 6.93 -19.03
C ASP A 20 2.96 6.61 -18.68
N ILE A 21 2.15 7.66 -18.47
CA ILE A 21 0.78 7.50 -17.99
C ILE A 21 -0.05 6.55 -18.89
N GLU A 22 0.08 6.74 -20.21
CA GLU A 22 -0.69 5.99 -21.21
C GLU A 22 -0.45 4.50 -21.01
N ARG A 23 0.80 4.09 -21.07
CA ARG A 23 1.17 2.68 -21.04
C ARG A 23 0.90 2.02 -19.67
N TYR A 24 1.10 2.79 -18.59
CA TYR A 24 0.81 2.34 -17.21
C TYR A 24 -0.68 2.02 -17.02
N TYR A 25 -1.54 2.94 -17.43
CA TYR A 25 -2.97 2.68 -17.31
C TYR A 25 -3.49 1.62 -18.27
N THR A 26 -2.92 1.56 -19.47
CA THR A 26 -3.25 0.47 -20.40
C THR A 26 -2.99 -0.86 -19.67
N HIS A 27 -1.82 -0.98 -19.07
CA HIS A 27 -1.45 -2.21 -18.37
C HIS A 27 -2.43 -2.52 -17.21
N ILE A 28 -2.77 -1.52 -16.42
CA ILE A 28 -3.73 -1.70 -15.32
C ILE A 28 -5.11 -2.14 -15.85
N ARG A 29 -5.47 -1.65 -17.03
CA ARG A 29 -6.78 -1.89 -17.65
C ARG A 29 -6.73 -3.08 -18.60
N ARG A 30 -5.70 -3.91 -18.46
CA ARG A 30 -5.68 -5.21 -19.11
C ARG A 30 -5.75 -5.06 -20.65
N GLY A 31 -5.02 -4.08 -21.14
CA GLY A 31 -4.82 -3.87 -22.57
C GLY A 31 -5.71 -2.83 -23.18
N ARG A 32 -6.65 -2.29 -22.39
CA ARG A 32 -7.56 -1.25 -22.87
C ARG A 32 -7.00 0.15 -22.64
N LYS A 33 -6.45 0.73 -23.72
CA LYS A 33 -5.81 2.05 -23.67
C LYS A 33 -6.86 3.10 -23.33
N PRO A 34 -6.55 3.99 -22.36
CA PRO A 34 -7.54 5.05 -22.06
C PRO A 34 -7.80 5.93 -23.27
N GLU A 35 -9.05 6.38 -23.42
CA GLU A 35 -9.40 7.34 -24.46
C GLU A 35 -8.76 8.68 -24.14
N PRO A 36 -8.63 9.58 -25.16
CA PRO A 36 -7.95 10.85 -24.90
C PRO A 36 -8.49 11.69 -23.72
N GLU A 37 -9.79 11.66 -23.46
CA GLU A 37 -10.37 12.48 -22.38
C GLU A 37 -9.93 11.99 -21.02
N MET A 38 -9.97 10.67 -20.84
CA MET A 38 -9.50 10.03 -19.62
C MET A 38 -7.99 10.25 -19.40
N LEU A 39 -7.20 10.12 -20.47
CA LEU A 39 -5.73 10.33 -20.39
C LEU A 39 -5.40 11.74 -19.87
N GLN A 40 -6.13 12.72 -20.39
CA GLN A 40 -5.97 14.13 -20.04
C GLN A 40 -6.40 14.34 -18.59
N ASP A 41 -7.53 13.73 -18.21
CA ASP A 41 -8.06 13.72 -16.84
C ASP A 41 -6.95 13.23 -15.87
N LEU A 42 -6.39 12.06 -16.17
CA LEU A 42 -5.27 11.45 -15.42
C LEU A 42 -4.03 12.34 -15.27
N LYS A 43 -3.58 12.92 -16.39
CA LYS A 43 -2.52 13.92 -16.39
C LYS A 43 -2.80 15.09 -15.44
N ASP A 44 -4.06 15.55 -15.43
CA ASP A 44 -4.48 16.67 -14.63
C ASP A 44 -4.47 16.29 -13.14
N ARG A 45 -4.85 15.04 -12.87
CA ARG A 45 -4.81 14.51 -11.51
C ARG A 45 -3.38 14.54 -10.98
N TYR A 46 -2.44 14.01 -11.77
CA TYR A 46 -1.02 14.02 -11.36
C TYR A 46 -0.48 15.42 -11.19
N GLU A 47 -0.88 16.35 -12.06
CA GLU A 47 -0.45 17.74 -11.93
C GLU A 47 -0.97 18.35 -10.63
N ALA A 48 -2.24 18.06 -10.34
CA ALA A 48 -2.90 18.60 -9.16
C ALA A 48 -2.23 18.16 -7.86
N ILE A 49 -1.73 16.93 -7.82
CA ILE A 49 -1.04 16.44 -6.61
C ILE A 49 0.46 16.75 -6.57
N GLY A 50 0.94 17.43 -7.61
CA GLY A 50 2.27 18.03 -7.58
C GLY A 50 3.33 17.34 -8.42
N GLY A 51 2.90 16.50 -9.37
CA GLY A 51 3.81 15.82 -10.27
C GLY A 51 3.97 14.35 -10.01
N ILE A 52 4.39 13.61 -11.03
CA ILE A 52 4.51 12.17 -10.96
C ILE A 52 5.87 11.72 -10.44
N SER A 53 6.93 12.43 -10.87
CA SER A 53 8.31 11.97 -10.64
C SER A 53 8.72 11.72 -9.18
N PRO A 54 8.24 12.57 -8.22
CA PRO A 54 8.51 12.28 -6.81
C PRO A 54 7.93 10.95 -6.34
N LEU A 55 6.72 10.64 -6.83
CA LEU A 55 5.96 9.46 -6.43
C LEU A 55 6.72 8.17 -6.63
N ALA A 56 7.32 8.02 -7.81
CA ALA A 56 8.04 6.79 -8.17
C ALA A 56 9.36 6.63 -7.42
N GLN A 57 9.98 7.74 -7.02
CA GLN A 57 11.18 7.68 -6.19
C GLN A 57 10.99 7.02 -4.81
N ILE A 58 9.80 7.11 -4.22
CA ILE A 58 9.56 6.55 -2.86
C ILE A 58 9.84 5.04 -2.77
N THR A 59 9.33 4.30 -3.73
CA THR A 59 9.48 2.84 -3.79
C THR A 59 10.97 2.47 -3.88
N GLU A 60 11.71 3.18 -4.71
CA GLU A 60 13.18 3.00 -4.79
C GLU A 60 13.82 3.24 -3.42
N GLN A 61 13.43 4.34 -2.78
CA GLN A 61 13.99 4.74 -1.51
C GLN A 61 13.61 3.74 -0.41
N GLN A 62 12.36 3.29 -0.41
CA GLN A 62 11.96 2.19 0.51
C GLN A 62 12.83 0.94 0.40
N ALA A 63 13.09 0.49 -0.82
CA ALA A 63 13.84 -0.73 -1.08
C ALA A 63 15.32 -0.57 -0.64
N HIS A 64 15.90 0.58 -0.99
CA HIS A 64 17.30 0.95 -0.66
C HIS A 64 17.50 1.00 0.85
N ASN A 65 16.62 1.76 1.51
CA ASN A 65 16.66 1.94 2.95
C ASN A 65 16.49 0.60 3.69
N LEU A 66 15.59 -0.24 3.19
CA LEU A 66 15.34 -1.54 3.80
C LEU A 66 16.58 -2.45 3.70
N GLU A 67 17.16 -2.55 2.50
CA GLU A 67 18.43 -3.27 2.31
C GLU A 67 19.49 -2.76 3.29
N GLN A 68 19.73 -1.45 3.31
CA GLN A 68 20.77 -0.88 4.19
C GLN A 68 20.53 -1.24 5.66
N HIS A 69 19.29 -1.01 6.11
CA HIS A 69 18.91 -1.28 7.48
C HIS A 69 19.04 -2.75 7.86
N LEU A 70 18.55 -3.68 7.03
CA LEU A 70 18.68 -5.10 7.31
C LEU A 70 20.14 -5.51 7.44
N ASN A 71 20.97 -5.00 6.52
CA ASN A 71 22.41 -5.25 6.54
C ASN A 71 23.09 -4.73 7.79
N GLU A 72 22.60 -3.63 8.34
CA GLU A 72 23.24 -3.09 9.55
C GLU A 72 22.74 -3.73 10.86
N ILE A 73 21.48 -4.18 10.88
CA ILE A 73 20.91 -4.67 12.14
C ILE A 73 21.20 -6.13 12.45
N GLN A 74 21.76 -6.87 11.51
CA GLN A 74 22.24 -8.22 11.79
C GLN A 74 23.50 -8.49 10.98
N ASP A 75 24.19 -9.57 11.32
CA ASP A 75 25.54 -9.81 10.82
C ASP A 75 25.72 -11.13 10.07
N GLU A 76 24.63 -11.89 9.89
CA GLU A 76 24.69 -13.21 9.23
C GLU A 76 24.47 -13.16 7.70
N ILE A 77 23.68 -12.18 7.25
CA ILE A 77 23.21 -12.09 5.88
C ILE A 77 23.51 -10.73 5.29
N THR A 78 23.99 -10.75 4.05
CA THR A 78 24.10 -9.54 3.24
C THR A 78 22.98 -9.57 2.19
N PHE A 79 22.05 -8.64 2.35
CA PHE A 79 20.92 -8.51 1.41
C PHE A 79 21.31 -7.60 0.25
N LYS A 80 20.79 -7.93 -0.93
CA LYS A 80 20.82 -7.04 -2.08
C LYS A 80 19.41 -6.84 -2.62
N ALA A 81 18.91 -5.61 -2.54
CA ALA A 81 17.55 -5.31 -2.95
C ALA A 81 17.36 -5.29 -4.49
N TYR A 82 16.23 -5.85 -4.93
CA TYR A 82 15.76 -5.79 -6.30
C TYR A 82 14.28 -5.39 -6.31
N ILE A 83 13.94 -4.40 -7.12
CA ILE A 83 12.55 -3.94 -7.24
C ILE A 83 11.84 -4.67 -8.39
N GLY A 84 10.67 -5.23 -8.08
CA GLY A 84 9.80 -5.92 -9.04
C GLY A 84 8.40 -5.34 -8.98
N LEU A 85 7.98 -4.73 -10.09
CA LEU A 85 6.72 -4.01 -10.15
C LEU A 85 5.69 -4.73 -11.01
N LYS A 86 4.42 -4.51 -10.67
CA LYS A 86 3.32 -5.17 -11.36
C LYS A 86 3.03 -4.49 -12.70
N HIS A 87 2.93 -3.16 -12.70
CA HIS A 87 2.37 -2.42 -13.83
C HIS A 87 3.31 -1.55 -14.66
N ILE A 88 4.59 -1.52 -14.30
CA ILE A 88 5.59 -0.79 -15.08
C ILE A 88 6.97 -1.38 -14.82
N GLU A 89 7.92 -1.14 -15.73
CA GLU A 89 9.28 -1.64 -15.50
C GLU A 89 9.94 -0.94 -14.32
N PRO A 90 10.83 -1.65 -13.61
CA PRO A 90 11.20 -3.06 -13.73
C PRO A 90 10.08 -4.00 -13.29
N PHE A 91 9.67 -4.87 -14.20
CA PHE A 91 8.65 -5.86 -13.92
C PHE A 91 9.16 -6.95 -12.99
N ILE A 92 8.23 -7.66 -12.36
CA ILE A 92 8.57 -8.73 -11.41
C ILE A 92 9.51 -9.74 -12.05
N GLU A 93 9.19 -10.15 -13.28
CA GLU A 93 10.01 -11.12 -13.99
C GLU A 93 11.38 -10.58 -14.34
N ASP A 94 11.47 -9.28 -14.65
CA ASP A 94 12.75 -8.59 -14.86
C ASP A 94 13.67 -8.73 -13.63
N ALA A 95 13.14 -8.39 -12.44
CA ALA A 95 13.88 -8.44 -11.18
C ALA A 95 14.44 -9.85 -10.85
N VAL A 96 13.59 -10.86 -11.01
CA VAL A 96 13.98 -12.25 -10.75
C VAL A 96 15.09 -12.67 -11.71
N ALA A 97 14.91 -12.33 -13.00
CA ALA A 97 15.93 -12.57 -14.04
C ALA A 97 17.28 -11.93 -13.70
N GLU A 98 17.23 -10.69 -13.21
CA GLU A 98 18.43 -9.98 -12.81
C GLU A 98 19.13 -10.64 -11.62
N MET A 99 18.35 -11.01 -10.60
CA MET A 99 18.88 -11.75 -9.44
C MET A 99 19.64 -12.99 -9.92
N HIS A 100 19.00 -13.79 -10.79
CA HIS A 100 19.59 -15.03 -11.31
C HIS A 100 20.88 -14.76 -12.10
N LYS A 101 20.85 -13.73 -12.95
CA LYS A 101 22.01 -13.26 -13.68
C LYS A 101 23.15 -12.89 -12.73
N ASP A 102 22.81 -12.23 -11.61
CA ASP A 102 23.78 -11.72 -10.64
C ASP A 102 24.33 -12.79 -9.70
N GLY A 103 23.97 -14.06 -9.94
CA GLY A 103 24.41 -15.17 -9.09
C GLY A 103 23.70 -15.37 -7.76
N ILE A 104 22.61 -14.62 -7.50
CA ILE A 104 21.72 -14.89 -6.35
C ILE A 104 21.11 -16.26 -6.52
N THR A 105 21.18 -17.06 -5.45
CA THR A 105 20.59 -18.40 -5.47
C THR A 105 19.48 -18.51 -4.43
N GLU A 106 19.40 -17.52 -3.55
CA GLU A 106 18.51 -17.60 -2.40
C GLU A 106 17.98 -16.22 -2.12
N ALA A 107 16.67 -16.09 -2.01
CA ALA A 107 16.04 -14.77 -1.86
C ALA A 107 14.79 -14.81 -0.98
N VAL A 108 14.51 -13.67 -0.36
CA VAL A 108 13.28 -13.40 0.37
C VAL A 108 12.55 -12.25 -0.34
N SER A 109 11.26 -12.43 -0.49
CA SER A 109 10.42 -11.40 -1.06
C SER A 109 9.42 -10.80 -0.07
N ILE A 110 9.10 -9.54 -0.33
CA ILE A 110 8.10 -8.78 0.39
C ILE A 110 7.34 -7.85 -0.55
N VAL A 111 6.02 -7.76 -0.38
CA VAL A 111 5.19 -6.87 -1.18
C VAL A 111 4.87 -5.65 -0.34
N LEU A 112 5.00 -4.47 -0.95
CA LEU A 112 4.74 -3.19 -0.30
C LEU A 112 3.24 -2.90 -0.22
N ALA A 113 2.57 -3.83 0.45
CA ALA A 113 1.12 -3.84 0.71
C ALA A 113 0.96 -4.81 1.89
N PRO A 114 0.48 -4.31 3.05
CA PRO A 114 0.55 -5.17 4.24
C PRO A 114 -0.49 -6.29 4.33
N HIS A 115 -1.50 -6.28 3.46
CA HIS A 115 -2.59 -7.29 3.52
C HIS A 115 -2.50 -8.32 2.39
N PHE A 116 -2.61 -9.59 2.73
CA PHE A 116 -2.70 -10.66 1.72
C PHE A 116 -3.98 -10.56 0.90
N SER A 117 -3.83 -10.70 -0.42
CA SER A 117 -4.97 -10.96 -1.30
C SER A 117 -4.57 -11.93 -2.40
N THR A 118 -5.56 -12.61 -2.96
CA THR A 118 -5.37 -13.45 -4.13
C THR A 118 -4.96 -12.62 -5.36
N PHE A 119 -5.48 -11.40 -5.45
CA PHE A 119 -5.26 -10.54 -6.61
C PHE A 119 -3.94 -9.85 -6.60
N SER A 120 -3.53 -9.40 -5.44
CA SER A 120 -2.32 -8.65 -5.33
C SER A 120 -1.21 -9.57 -4.86
N VAL A 121 -1.05 -9.66 -3.55
CA VAL A 121 0.11 -10.35 -2.97
C VAL A 121 0.35 -11.75 -3.59
N GLN A 122 -0.68 -12.59 -3.58
CA GLN A 122 -0.51 -13.99 -4.02
C GLN A 122 -0.05 -14.10 -5.46
N SER A 123 -0.60 -13.24 -6.32
CA SER A 123 -0.23 -13.17 -7.71
C SER A 123 1.25 -12.76 -7.92
N TYR A 124 1.68 -11.72 -7.22
CA TYR A 124 3.09 -11.27 -7.27
C TYR A 124 4.03 -12.42 -6.89
N ASN A 125 3.72 -13.05 -5.77
CA ASN A 125 4.50 -14.19 -5.24
C ASN A 125 4.59 -15.37 -6.22
N LYS A 126 3.45 -15.75 -6.80
CA LYS A 126 3.38 -16.79 -7.83
C LYS A 126 4.26 -16.43 -9.03
N ARG A 127 4.13 -15.19 -9.51
CA ARG A 127 4.88 -14.72 -10.67
C ARG A 127 6.40 -14.75 -10.43
N ALA A 128 6.82 -14.28 -9.26
CA ALA A 128 8.22 -14.34 -8.81
C ALA A 128 8.75 -15.77 -8.79
N LYS A 129 8.04 -16.65 -8.09
CA LYS A 129 8.47 -18.05 -7.95
C LYS A 129 8.44 -18.79 -9.29
N GLU A 130 7.52 -18.41 -10.17
CA GLU A 130 7.39 -19.07 -11.47
C GLU A 130 8.55 -18.71 -12.40
N GLU A 131 9.01 -17.47 -12.33
CA GLU A 131 10.15 -17.03 -13.10
C GLU A 131 11.41 -17.70 -12.53
N ALA A 132 11.52 -17.76 -11.20
CA ALA A 132 12.66 -18.49 -10.57
C ALA A 132 12.78 -19.97 -10.99
N GLU A 133 11.64 -20.67 -11.08
CA GLU A 133 11.61 -22.08 -11.45
C GLU A 133 11.98 -22.26 -12.92
N LYS A 134 11.57 -21.30 -13.74
CA LYS A 134 11.83 -21.24 -15.17
C LYS A 134 13.32 -21.15 -15.44
N LEU A 135 14.01 -20.35 -14.64
CA LEU A 135 15.46 -20.14 -14.78
C LEU A 135 16.26 -21.23 -14.07
N GLY A 136 15.74 -21.70 -12.93
CA GLY A 136 16.38 -22.73 -12.10
C GLY A 136 17.44 -22.16 -11.17
N GLY A 137 17.84 -22.93 -10.16
CA GLY A 137 18.98 -22.55 -9.28
C GLY A 137 18.79 -21.36 -8.36
N LEU A 138 17.53 -20.97 -8.16
CA LEU A 138 17.18 -19.78 -7.42
C LEU A 138 15.87 -20.08 -6.72
N THR A 139 15.88 -19.97 -5.38
CA THR A 139 14.67 -20.15 -4.59
C THR A 139 14.29 -18.84 -3.94
N ILE A 140 12.99 -18.65 -3.74
CA ILE A 140 12.44 -17.45 -3.12
C ILE A 140 11.47 -17.87 -2.01
N THR A 141 11.69 -17.34 -0.80
CA THR A 141 10.70 -17.42 0.29
C THR A 141 9.95 -16.09 0.33
N SER A 142 8.61 -16.15 0.40
CA SER A 142 7.78 -14.98 0.25
C SER A 142 6.95 -14.61 1.50
N VAL A 143 7.07 -13.35 1.92
CA VAL A 143 6.21 -12.81 2.97
C VAL A 143 4.78 -12.71 2.39
N GLU A 144 3.76 -13.14 3.14
CA GLU A 144 2.40 -13.10 2.58
C GLU A 144 1.57 -11.90 3.04
N SER A 145 1.72 -11.56 4.32
CA SER A 145 1.02 -10.44 4.92
C SER A 145 1.87 -9.96 6.09
N TRP A 146 1.76 -8.68 6.41
CA TRP A 146 2.49 -8.13 7.57
C TRP A 146 1.74 -7.01 8.29
N TYR A 147 0.44 -6.87 8.01
CA TYR A 147 -0.40 -5.83 8.64
C TYR A 147 -0.38 -5.90 10.17
N ASP A 148 -0.12 -7.09 10.72
CA ASP A 148 -0.13 -7.29 12.18
C ASP A 148 1.23 -7.18 12.85
N GLU A 149 2.28 -6.85 12.09
CA GLU A 149 3.60 -6.60 12.67
C GLU A 149 3.44 -5.47 13.70
N PRO A 150 3.74 -5.75 14.97
CA PRO A 150 3.50 -4.74 16.00
C PRO A 150 4.14 -3.37 15.68
N LYS A 151 5.35 -3.36 15.11
CA LYS A 151 6.02 -2.09 14.80
C LYS A 151 5.25 -1.27 13.73
N PHE A 152 4.56 -1.98 12.84
CA PHE A 152 3.80 -1.33 11.79
C PHE A 152 2.50 -0.75 12.36
N VAL A 153 1.80 -1.55 13.17
CA VAL A 153 0.60 -1.09 13.89
C VAL A 153 0.93 0.16 14.72
N THR A 154 2.04 0.11 15.47
CA THR A 154 2.51 1.23 16.27
C THR A 154 2.73 2.52 15.44
N TYR A 155 3.29 2.37 14.23
CA TYR A 155 3.42 3.51 13.28
C TYR A 155 2.09 4.26 13.16
N TRP A 156 1.05 3.52 12.83
CA TRP A 156 -0.26 4.10 12.56
C TRP A 156 -0.97 4.58 13.79
N VAL A 157 -0.83 3.83 14.88
CA VAL A 157 -1.41 4.18 16.18
C VAL A 157 -0.87 5.55 16.61
N ASP A 158 0.43 5.73 16.46
CA ASP A 158 1.10 6.95 16.91
C ASP A 158 0.71 8.15 16.07
N ARG A 159 0.60 7.95 14.76
CA ARG A 159 0.12 9.03 13.88
C ARG A 159 -1.32 9.40 14.25
N VAL A 160 -2.17 8.39 14.47
CA VAL A 160 -3.58 8.65 14.74
C VAL A 160 -3.69 9.42 16.05
N LYS A 161 -2.96 8.96 17.08
CA LYS A 161 -2.91 9.66 18.39
C LYS A 161 -2.51 11.13 18.25
N GLU A 162 -1.46 11.41 17.47
CA GLU A 162 -1.05 12.80 17.22
C GLU A 162 -2.15 13.62 16.53
N THR A 163 -2.86 13.01 15.59
CA THR A 163 -3.94 13.70 14.87
C THR A 163 -5.06 14.11 15.82
N TYR A 164 -5.54 13.13 16.60
CA TYR A 164 -6.60 13.39 17.56
C TYR A 164 -6.12 14.40 18.60
N ALA A 165 -4.88 14.22 19.10
CA ALA A 165 -4.30 15.12 20.10
C ALA A 165 -4.22 16.57 19.64
N SER A 166 -4.05 16.77 18.34
CA SER A 166 -4.02 18.10 17.73
C SER A 166 -5.38 18.74 17.47
N MET A 167 -6.49 18.02 17.72
CA MET A 167 -7.84 18.53 17.38
C MET A 167 -8.37 19.53 18.40
N PRO A 168 -9.34 20.40 17.99
CA PRO A 168 -9.97 21.19 19.04
C PRO A 168 -10.89 20.29 19.86
N GLU A 169 -11.21 20.70 21.09
CA GLU A 169 -11.99 19.86 22.00
C GLU A 169 -13.25 19.24 21.37
N ASP A 170 -14.01 20.06 20.64
CA ASP A 170 -15.30 19.65 20.07
C ASP A 170 -15.16 18.62 18.94
N GLU A 171 -14.15 18.78 18.10
CA GLU A 171 -13.85 17.82 17.04
C GLU A 171 -13.39 16.48 17.57
N ARG A 172 -12.46 16.49 18.54
CA ARG A 172 -11.94 15.26 19.13
C ARG A 172 -13.07 14.38 19.65
N GLU A 173 -14.09 15.01 20.23
CA GLU A 173 -15.24 14.31 20.80
C GLU A 173 -16.28 13.84 19.77
N ASN A 174 -16.18 14.34 18.53
CA ASN A 174 -17.16 14.03 17.50
C ASN A 174 -16.51 13.69 16.15
N ALA A 175 -15.47 12.85 16.19
CA ALA A 175 -14.69 12.52 15.00
C ALA A 175 -14.95 11.07 14.57
N MET A 176 -14.69 10.76 13.30
CA MET A 176 -14.79 9.39 12.80
C MET A 176 -13.48 8.98 12.13
N LEU A 177 -13.00 7.78 12.45
CA LEU A 177 -11.78 7.24 11.87
C LEU A 177 -12.14 6.25 10.75
N ILE A 178 -11.68 6.52 9.54
CA ILE A 178 -12.00 5.67 8.41
C ILE A 178 -10.70 5.00 7.97
N VAL A 179 -10.67 3.67 8.10
CA VAL A 179 -9.49 2.86 7.78
C VAL A 179 -9.72 2.15 6.47
N SER A 180 -8.78 2.26 5.54
CA SER A 180 -9.06 1.84 4.17
C SER A 180 -7.87 1.17 3.49
N ALA A 181 -8.19 0.47 2.40
CA ALA A 181 -7.21 -0.17 1.51
C ALA A 181 -7.81 -0.11 0.11
N HIS A 182 -7.04 -0.51 -0.90
CA HIS A 182 -7.49 -0.54 -2.31
C HIS A 182 -8.64 -1.54 -2.41
N SER A 183 -9.71 -1.13 -3.09
CA SER A 183 -10.80 -2.05 -3.40
C SER A 183 -10.29 -3.12 -4.39
N LEU A 184 -10.90 -4.30 -4.31
CA LEU A 184 -10.66 -5.42 -5.22
C LEU A 184 -12.00 -5.99 -5.72
N PRO A 185 -11.97 -6.75 -6.82
CA PRO A 185 -13.24 -7.33 -7.26
C PRO A 185 -13.84 -8.19 -6.15
N GLU A 186 -15.17 -8.11 -5.98
CA GLU A 186 -15.84 -8.83 -4.91
C GLU A 186 -15.68 -10.34 -5.08
N LYS A 187 -15.46 -10.75 -6.32
CA LYS A 187 -15.34 -12.18 -6.62
C LYS A 187 -14.22 -12.90 -5.85
N ILE A 188 -13.33 -12.17 -5.19
CA ILE A 188 -12.24 -12.80 -4.40
C ILE A 188 -12.82 -13.66 -3.25
N LYS A 189 -14.02 -13.28 -2.82
CA LYS A 189 -14.74 -14.01 -1.78
C LYS A 189 -14.94 -15.50 -2.12
N GLU A 190 -15.01 -15.83 -3.41
CA GLU A 190 -15.22 -17.24 -3.79
C GLU A 190 -14.01 -18.10 -3.42
N PHE A 191 -12.85 -17.47 -3.27
CA PHE A 191 -11.64 -18.18 -2.88
C PHE A 191 -11.39 -18.13 -1.38
N GLY A 192 -12.32 -17.51 -0.66
CA GLY A 192 -12.16 -17.30 0.77
C GLY A 192 -11.02 -16.36 1.09
N ASP A 193 -10.76 -15.42 0.17
CA ASP A 193 -9.66 -14.44 0.31
C ASP A 193 -9.85 -13.66 1.61
N PRO A 194 -8.80 -13.64 2.48
CA PRO A 194 -8.87 -13.01 3.80
C PRO A 194 -8.63 -11.50 3.78
N TYR A 195 -8.36 -10.95 2.59
CA TYR A 195 -8.13 -9.49 2.41
C TYR A 195 -9.13 -8.62 3.17
N PRO A 196 -10.46 -8.79 2.92
CA PRO A 196 -11.43 -8.00 3.72
C PRO A 196 -11.27 -8.16 5.23
N ASP A 197 -11.03 -9.40 5.69
CA ASP A 197 -10.87 -9.69 7.13
C ASP A 197 -9.61 -9.02 7.69
N GLN A 198 -8.55 -9.07 6.93
CA GLN A 198 -7.28 -8.45 7.35
C GLN A 198 -7.40 -6.92 7.46
N LEU A 199 -8.17 -6.30 6.57
CA LEU A 199 -8.35 -4.86 6.68
C LEU A 199 -9.16 -4.55 7.95
N HIS A 200 -10.20 -5.33 8.25
CA HIS A 200 -10.95 -5.02 9.47
CA HIS A 200 -10.99 -5.12 9.46
C HIS A 200 -10.10 -5.32 10.71
N GLU A 201 -9.19 -6.28 10.63
CA GLU A 201 -8.24 -6.52 11.73
C GLU A 201 -7.28 -5.35 11.92
N SER A 202 -6.74 -4.84 10.81
CA SER A 202 -5.91 -3.63 10.79
C SER A 202 -6.59 -2.47 11.46
N ALA A 203 -7.84 -2.21 11.08
CA ALA A 203 -8.66 -1.13 11.65
C ALA A 203 -8.88 -1.31 13.15
N LYS A 204 -9.24 -2.53 13.52
CA LYS A 204 -9.39 -2.94 14.92
C LYS A 204 -8.13 -2.63 15.72
N LEU A 205 -6.99 -3.12 15.25
CA LEU A 205 -5.68 -2.94 15.91
C LEU A 205 -5.27 -1.48 16.08
N ILE A 206 -5.41 -0.70 15.00
CA ILE A 206 -5.09 0.73 15.04
C ILE A 206 -6.03 1.53 15.94
N ALA A 207 -7.35 1.36 15.76
CA ALA A 207 -8.34 2.05 16.60
C ALA A 207 -8.14 1.70 18.08
N GLU A 208 -7.95 0.41 18.36
CA GLU A 208 -7.76 -0.08 19.74
C GLU A 208 -6.53 0.58 20.37
N GLY A 209 -5.44 0.59 19.61
CA GLY A 209 -4.16 1.17 20.06
C GLY A 209 -4.21 2.66 20.26
N ALA A 210 -4.99 3.35 19.43
CA ALA A 210 -5.12 4.81 19.52
C ALA A 210 -6.16 5.28 20.53
N GLY A 211 -6.96 4.33 21.03
CA GLY A 211 -8.09 4.67 21.92
C GLY A 211 -9.25 5.37 21.19
N VAL A 212 -9.49 4.94 19.95
CA VAL A 212 -10.57 5.47 19.10
C VAL A 212 -11.74 4.46 19.14
N SER A 213 -12.86 4.91 19.68
CA SER A 213 -14.05 4.07 19.82
C SER A 213 -14.89 4.04 18.53
N GLU A 214 -14.92 5.17 17.83
CA GLU A 214 -15.71 5.31 16.61
C GLU A 214 -14.80 5.23 15.37
N TYR A 215 -14.83 4.08 14.71
CA TYR A 215 -14.12 3.91 13.43
C TYR A 215 -14.96 3.06 12.46
N ALA A 216 -14.58 3.06 11.19
CA ALA A 216 -15.25 2.24 10.21
C ALA A 216 -14.24 1.81 9.16
N VAL A 217 -14.58 0.74 8.45
CA VAL A 217 -13.72 0.24 7.40
C VAL A 217 -14.35 0.62 6.07
N GLY A 218 -13.53 1.20 5.20
CA GLY A 218 -13.90 1.57 3.84
C GLY A 218 -12.87 1.09 2.83
N TRP A 219 -13.27 1.17 1.57
CA TRP A 219 -12.46 0.72 0.46
C TRP A 219 -12.31 1.91 -0.47
N GLN A 220 -11.22 1.94 -1.24
CA GLN A 220 -11.07 3.03 -2.20
C GLN A 220 -10.38 2.62 -3.50
N SER A 221 -10.50 3.50 -4.49
CA SER A 221 -9.76 3.41 -5.75
C SER A 221 -10.13 2.22 -6.64
N GLU A 222 -11.39 1.78 -6.56
CA GLU A 222 -11.83 0.62 -7.35
C GLU A 222 -11.67 0.88 -8.84
N GLY A 223 -11.36 -0.17 -9.59
CA GLY A 223 -11.42 -0.11 -11.06
C GLY A 223 -12.85 -0.17 -11.58
N ASN A 224 -13.04 0.12 -12.88
CA ASN A 224 -14.34 0.03 -13.51
C ASN A 224 -14.40 -1.22 -14.40
N THR A 225 -14.89 -2.29 -13.80
CA THR A 225 -15.21 -3.53 -14.50
C THR A 225 -16.71 -3.82 -14.26
N PRO A 226 -17.34 -4.70 -15.08
CA PRO A 226 -18.77 -5.03 -14.91
C PRO A 226 -19.17 -5.67 -13.55
N ASP A 227 -18.26 -6.39 -12.92
CA ASP A 227 -18.52 -6.96 -11.60
C ASP A 227 -18.14 -5.96 -10.49
N PRO A 228 -18.75 -6.05 -9.27
CA PRO A 228 -18.20 -5.26 -8.14
C PRO A 228 -16.98 -6.07 -7.65
N TRP A 229 -15.90 -5.59 -7.00
CA TRP A 229 -15.60 -4.39 -6.21
C TRP A 229 -16.18 -4.18 -4.82
N LEU A 230 -15.29 -4.51 -3.87
CA LEU A 230 -15.55 -4.38 -2.46
C LEU A 230 -15.97 -2.97 -2.12
N GLY A 231 -16.99 -2.88 -1.27
CA GLY A 231 -17.48 -1.61 -0.77
C GLY A 231 -17.77 -1.70 0.72
N PRO A 232 -18.16 -0.57 1.34
CA PRO A 232 -18.45 0.75 0.74
C PRO A 232 -17.20 1.53 0.36
N ASP A 233 -17.35 2.39 -0.65
CA ASP A 233 -16.24 3.25 -1.06
C ASP A 233 -16.17 4.39 -0.05
N VAL A 234 -14.94 4.88 0.22
CA VAL A 234 -14.72 5.88 1.25
C VAL A 234 -15.56 7.16 1.09
N GLN A 235 -15.77 7.57 -0.16
CA GLN A 235 -16.62 8.73 -0.46
C GLN A 235 -18.05 8.53 0.05
N ASP A 236 -18.65 7.40 -0.33
CA ASP A 236 -19.99 7.03 0.11
C ASP A 236 -20.08 6.79 1.62
N LEU A 237 -19.08 6.10 2.17
CA LEU A 237 -19.04 5.82 3.61
C LEU A 237 -18.99 7.13 4.43
N THR A 238 -18.10 8.04 4.02
CA THR A 238 -18.01 9.36 4.66
C THR A 238 -19.35 10.07 4.77
N ARG A 239 -20.02 10.25 3.63
CA ARG A 239 -21.32 10.96 3.61
C ARG A 239 -22.37 10.24 4.46
N ASP A 240 -22.41 8.91 4.32
CA ASP A 240 -23.41 8.07 5.03
C ASP A 240 -23.24 8.18 6.55
N LEU A 241 -22.00 8.06 7.04
CA LEU A 241 -21.71 8.23 8.46
C LEU A 241 -22.09 9.61 8.97
N PHE A 242 -21.80 10.65 8.19
CA PHE A 242 -22.25 12.01 8.50
C PHE A 242 -23.78 12.11 8.63
N GLU A 243 -24.49 11.57 7.66
CA GLU A 243 -25.97 11.56 7.71
C GLU A 243 -26.50 10.82 8.95
N GLN A 244 -25.87 9.69 9.25
CA GLN A 244 -26.24 8.84 10.39
C GLN A 244 -25.99 9.51 11.76
N LYS A 245 -24.82 10.14 11.94
CA LYS A 245 -24.43 10.60 13.29
C LYS A 245 -23.83 12.00 13.45
N GLY A 246 -23.72 12.76 12.35
CA GLY A 246 -23.25 14.14 12.40
C GLY A 246 -21.78 14.46 12.70
N TYR A 247 -20.88 13.51 12.48
CA TYR A 247 -19.45 13.73 12.74
C TYR A 247 -18.90 15.03 12.14
N GLN A 248 -18.07 15.72 12.93
CA GLN A 248 -17.53 17.05 12.58
C GLN A 248 -16.10 16.96 12.06
N ALA A 249 -15.49 15.79 12.20
CA ALA A 249 -14.14 15.57 11.72
C ALA A 249 -14.01 14.13 11.27
N PHE A 250 -13.33 13.94 10.12
CA PHE A 250 -12.99 12.63 9.60
C PHE A 250 -11.48 12.49 9.44
N VAL A 251 -10.95 11.36 9.94
CA VAL A 251 -9.51 11.03 9.89
C VAL A 251 -9.34 9.79 9.03
N TYR A 252 -8.55 9.93 7.97
CA TYR A 252 -8.36 8.88 6.96
C TYR A 252 -7.02 8.20 7.17
N VAL A 253 -7.07 6.88 7.37
CA VAL A 253 -5.86 6.08 7.51
C VAL A 253 -5.89 5.03 6.40
N PRO A 254 -5.29 5.33 5.24
CA PRO A 254 -5.26 4.38 4.11
C PRO A 254 -4.16 3.36 4.32
N VAL A 255 -4.41 2.51 5.31
CA VAL A 255 -3.44 1.54 5.82
C VAL A 255 -3.04 0.55 4.74
N GLY A 256 -3.95 0.27 3.82
CA GLY A 256 -3.57 -0.55 2.65
C GLY A 256 -2.41 -0.03 1.82
N PHE A 257 -2.11 1.28 1.96
CA PHE A 257 -1.08 1.96 1.14
C PHE A 257 0.13 2.35 1.99
N VAL A 258 1.32 2.22 1.43
CA VAL A 258 2.55 2.49 2.20
C VAL A 258 3.23 3.79 1.87
N ALA A 259 2.68 4.53 0.92
CA ALA A 259 3.33 5.75 0.43
C ALA A 259 2.36 6.77 -0.17
N ASP A 260 2.92 7.95 -0.43
CA ASP A 260 2.26 9.08 -1.09
C ASP A 260 2.11 8.93 -2.59
N HIS A 261 1.17 8.09 -3.01
CA HIS A 261 0.85 7.92 -4.43
C HIS A 261 -0.54 8.46 -4.78
N LEU A 262 -0.92 8.35 -6.06
CA LEU A 262 -2.15 8.96 -6.56
C LEU A 262 -3.36 8.52 -5.74
N GLU A 263 -3.41 7.24 -5.38
CA GLU A 263 -4.55 6.74 -4.56
C GLU A 263 -4.74 7.47 -3.24
N VAL A 264 -3.66 7.96 -2.63
CA VAL A 264 -3.79 8.70 -1.37
C VAL A 264 -3.97 10.21 -1.62
N LEU A 265 -3.03 10.79 -2.35
CA LEU A 265 -2.94 12.24 -2.57
C LEU A 265 -4.13 12.78 -3.38
N TYR A 266 -4.70 11.92 -4.21
CA TYR A 266 -5.89 12.28 -4.96
C TYR A 266 -7.15 11.62 -4.38
N ASP A 267 -7.16 10.28 -4.26
CA ASP A 267 -8.40 9.62 -3.81
C ASP A 267 -8.81 9.90 -2.35
N ASN A 268 -7.85 10.25 -1.48
CA ASN A 268 -8.22 10.77 -0.16
C ASN A 268 -8.17 12.28 -0.12
N ASP A 269 -6.99 12.84 -0.28
CA ASP A 269 -6.76 14.29 -0.10
C ASP A 269 -7.51 15.20 -1.07
N TYR A 270 -8.00 14.66 -2.18
CA TYR A 270 -8.96 15.40 -3.01
C TYR A 270 -10.37 14.83 -2.91
N GLU A 271 -10.57 13.57 -3.26
CA GLU A 271 -11.92 13.00 -3.32
C GLU A 271 -12.70 12.97 -1.99
N CYS A 272 -12.04 12.51 -0.92
CA CYS A 272 -12.69 12.52 0.40
C CYS A 272 -12.84 13.95 0.92
N LYS A 273 -11.81 14.78 0.69
CA LYS A 273 -11.81 16.20 1.05
C LYS A 273 -12.98 17.00 0.44
N VAL A 274 -13.35 16.70 -0.81
CA VAL A 274 -14.53 17.33 -1.46
C VAL A 274 -15.75 17.02 -0.61
N VAL A 275 -15.85 15.75 -0.18
CA VAL A 275 -17.01 15.31 0.60
C VAL A 275 -17.03 15.95 1.98
N THR A 276 -15.90 15.94 2.69
CA THR A 276 -15.83 16.57 4.03
C THR A 276 -16.05 18.10 3.96
N ASP A 277 -15.56 18.72 2.87
CA ASP A 277 -15.79 20.16 2.68
C ASP A 277 -17.27 20.46 2.48
N ASP A 278 -17.94 19.57 1.74
CA ASP A 278 -19.34 19.75 1.39
C ASP A 278 -20.24 19.66 2.60
N ILE A 279 -19.95 18.71 3.48
CA ILE A 279 -20.74 18.44 4.68
C ILE A 279 -20.34 19.28 5.90
N GLY A 280 -19.24 20.01 5.78
CA GLY A 280 -18.83 20.97 6.81
C GLY A 280 -17.90 20.39 7.86
N ALA A 281 -17.25 19.28 7.55
CA ALA A 281 -16.39 18.60 8.51
C ALA A 281 -14.92 18.87 8.19
N SER A 282 -14.08 18.79 9.22
CA SER A 282 -12.63 18.84 9.07
C SER A 282 -12.11 17.52 8.48
N TYR A 283 -11.07 17.65 7.67
CA TYR A 283 -10.38 16.54 7.03
C TYR A 283 -8.99 16.37 7.62
N TYR A 284 -8.66 15.14 8.02
CA TYR A 284 -7.34 14.80 8.49
C TYR A 284 -6.86 13.51 7.82
N ARG A 285 -5.60 13.48 7.39
CA ARG A 285 -5.03 12.26 6.81
C ARG A 285 -3.55 12.22 7.22
N PRO A 286 -3.22 11.48 8.31
CA PRO A 286 -1.83 11.41 8.80
C PRO A 286 -0.81 10.97 7.73
N GLU A 287 0.46 11.27 7.99
CA GLU A 287 1.54 11.01 7.05
C GLU A 287 1.64 9.52 6.67
N MET A 288 1.81 9.26 5.37
CA MET A 288 2.09 7.88 4.90
C MET A 288 3.50 7.46 5.38
N PRO A 289 3.69 6.15 5.66
CA PRO A 289 5.00 5.59 6.05
C PRO A 289 6.15 6.04 5.16
N ASN A 290 5.96 5.96 3.84
CA ASN A 290 7.01 6.34 2.89
C ASN A 290 8.34 5.63 3.24
N ALA A 291 9.45 6.35 3.27
CA ALA A 291 10.74 5.71 3.54
C ALA A 291 11.27 6.02 4.96
N LYS A 292 10.35 6.37 5.86
CA LYS A 292 10.72 6.75 7.24
C LYS A 292 11.33 5.62 8.05
N PRO A 293 12.40 5.91 8.84
CA PRO A 293 13.09 4.90 9.66
C PRO A 293 12.19 4.00 10.51
N GLU A 294 11.12 4.55 11.08
CA GLU A 294 10.22 3.75 11.91
C GLU A 294 9.56 2.65 11.06
N PHE A 295 9.14 3.02 9.86
CA PHE A 295 8.53 2.09 8.91
C PHE A 295 9.57 1.08 8.37
N ILE A 296 10.74 1.58 7.99
CA ILE A 296 11.79 0.69 7.43
C ILE A 296 12.15 -0.37 8.48
N ASP A 297 12.17 0.05 9.76
CA ASP A 297 12.50 -0.91 10.85
C ASP A 297 11.43 -1.98 11.04
N ALA A 298 10.15 -1.59 10.92
CA ALA A 298 9.04 -2.53 10.87
C ALA A 298 9.19 -3.56 9.75
N LEU A 299 9.50 -3.09 8.55
CA LEU A 299 9.74 -3.96 7.38
C LEU A 299 10.94 -4.88 7.57
N ALA A 300 11.98 -4.35 8.22
CA ALA A 300 13.15 -5.14 8.53
C ALA A 300 12.80 -6.29 9.45
N THR A 301 11.97 -6.00 10.46
CA THR A 301 11.58 -6.99 11.43
C THR A 301 10.72 -8.08 10.77
N VAL A 302 9.85 -7.68 9.85
CA VAL A 302 9.00 -8.58 9.13
C VAL A 302 9.83 -9.58 8.34
N VAL A 303 10.83 -9.05 7.64
CA VAL A 303 11.71 -9.88 6.79
C VAL A 303 12.50 -10.88 7.61
N LEU A 304 13.14 -10.40 8.68
CA LEU A 304 13.90 -11.27 9.56
C LEU A 304 13.04 -12.32 10.30
N LYS A 305 11.82 -11.94 10.71
CA LYS A 305 10.89 -12.90 11.30
C LYS A 305 10.55 -14.02 10.33
N LYS A 306 10.30 -13.67 9.07
CA LYS A 306 10.02 -14.65 8.03
C LYS A 306 11.19 -15.65 7.89
N LEU A 307 12.41 -15.15 8.03
CA LEU A 307 13.64 -15.98 7.97
C LEU A 307 13.95 -16.75 9.28
N GLY A 308 13.12 -16.55 10.30
CA GLY A 308 13.35 -17.14 11.62
C GLY A 308 14.52 -16.50 12.36
N ARG A 309 14.86 -15.28 11.95
CA ARG A 309 15.99 -14.55 12.55
C ARG A 309 15.47 -13.27 13.21
MG MG B . -11.54 6.43 -8.49
MG MG C . -20.31 -2.08 -10.74
N1 H01 D . -8.85 -1.75 -13.62
C11 H01 D . -9.43 -0.75 -14.31
C12 H01 D . -9.20 0.44 -13.61
O1 H01 D . -11.24 2.00 -14.36
O2 H01 D . -9.07 2.51 -15.35
C13 H01 D . -8.45 0.12 -12.49
C15 H01 D . -7.53 -2.00 -11.59
C14 H01 D . -8.26 -1.25 -12.51
C16 H01 D . -6.74 -6.44 -9.43
O3 H01 D . -9.50 3.03 -13.00
O4 H01 D . -5.82 -1.77 -9.26
C21 H01 D . -7.55 -3.37 -11.35
C22 H01 D . -6.96 -4.01 -10.27
C23 H01 D . -7.20 -5.34 -10.41
C24 H01 D . -7.92 -5.52 -11.59
C25 H01 D . -8.41 -6.69 -12.15
C26 H01 D . -7.93 1.09 -11.40
O41 H01 D . -9.78 -11.01 -18.25
C49 H01 D . -9.75 -9.79 -18.48
O42 H01 D . -10.03 -9.20 -19.55
C48 H01 D . -9.31 -8.93 -17.32
C47 H01 D . -10.39 -8.78 -16.26
C33 H01 D . -9.89 -7.76 -15.24
C32 H01 D . -9.33 -8.05 -14.02
C46 H01 D . -9.14 -9.47 -13.44
C31 H01 D . -8.99 -6.86 -13.40
N3 H01 D . -9.31 -5.85 -14.22
C34 H01 D . -9.85 -6.36 -15.35
C35 H01 D . -10.31 -5.62 -16.43
C41 H01 D . -10.45 -4.24 -16.64
N4 H01 D . -10.12 -3.33 -15.72
C42 H01 D . -10.95 -3.57 -17.78
C37 H01 D . -11.45 -4.15 -19.13
C38 H01 D . -12.14 -5.51 -19.02
C39 H01 D . -13.67 -5.40 -18.85
O32 H01 D . -14.10 -4.55 -18.04
O31 H01 D . -14.36 -6.18 -19.53
C43 H01 D . -10.88 -2.23 -17.46
C36 H01 D . -11.30 -1.04 -18.35
C44 H01 D . -10.37 -2.10 -16.19
C45 H01 D . -10.14 -0.92 -15.48
S1 H01 D . -9.77 2.04 -14.10
N2 H01 D . -8.12 -4.29 -12.13
S2 H01 D . -6.09 -3.22 -8.94
O5 H01 D . -4.77 -3.92 -8.69
O6 H01 D . -6.93 -3.30 -7.71
#